data_4ZLR
#
_entry.id   4ZLR
#
_cell.length_a   70.190
_cell.length_b   70.190
_cell.length_c   279.870
_cell.angle_alpha   90.00
_cell.angle_beta   90.00
_cell.angle_gamma   90.00
#
_symmetry.space_group_name_H-M   'P 41 2 2'
#
loop_
_entity.id
_entity.type
_entity.pdbx_description
1 polymer 'Brain tumor protein'
2 polymer "RNA (5'-R(*UP*UP*GP*UP*UP*GP*UP*UP*UP*UP*UP*UP*UP*U)-3')"
3 non-polymer 2-{2-[2-(2-{2-[2-(2-ETHOXY-ETHOXY)-ETHOXY]-ETHOXY}-ETHOXY)-ETHOXY]-ETHOXY}-ETHANOL
4 non-polymer 'SULFATE ION'
5 non-polymer 'TETRAETHYLENE GLYCOL'
6 non-polymer 'PENTAETHYLENE GLYCOL'
7 water water
#
loop_
_entity_poly.entity_id
_entity_poly.type
_entity_poly.pdbx_seq_one_letter_code
_entity_poly.pdbx_strand_id
1 'polypeptide(L)'
;KSQIKRQKMIYHCKFGEFGVMEGQFTEPSGVAVNAQNDIIVADTNNHRIQIFDKEGRFKFQFGECGKRDSQLLYPNRVAV
VRNSGDIIVTERSPTHQIQIYNQYGQFVRKFGATILQHPRGVTVDNKGRIIVVECKVMRVIIFDQNGNVLHKFGCSKHLE
FPNGVVVNDKQEIFISDNRAHCVKVFNYEGQYLRQIGGEGITNYPIGVGINSNGEILIADNHNNFNLTIFTQDGQLISAL
ESKVKHAQCFDVALMDDGSVVLASKDYRLYIYRYVQLAPVGM
;
A,B
2 'polyribonucleotide' UUGUUGUUUUUUUUU C
#
# COMPACT_ATOMS: atom_id res chain seq x y z
N GLN A 3 -14.84 -6.53 -24.43
CA GLN A 3 -15.34 -6.57 -25.80
C GLN A 3 -14.82 -5.39 -26.61
N ILE A 4 -14.40 -4.33 -25.91
CA ILE A 4 -13.83 -3.15 -26.54
C ILE A 4 -12.32 -3.33 -26.68
N LYS A 5 -11.79 -3.07 -27.87
CA LYS A 5 -10.35 -3.13 -28.12
C LYS A 5 -9.70 -1.80 -27.74
N ARG A 6 -8.96 -1.81 -26.64
CA ARG A 6 -8.38 -0.60 -26.08
C ARG A 6 -6.94 -0.36 -26.52
N GLN A 7 -6.61 0.89 -26.80
CA GLN A 7 -5.24 1.30 -27.06
C GLN A 7 -4.42 1.14 -25.78
N LYS A 8 -3.29 0.46 -25.87
CA LYS A 8 -2.42 0.27 -24.71
C LYS A 8 -1.64 1.55 -24.42
N MET A 9 -1.41 1.82 -23.14
CA MET A 9 -0.68 3.02 -22.73
C MET A 9 0.26 2.75 -21.56
N ILE A 10 1.33 3.52 -21.48
CA ILE A 10 2.24 3.49 -20.34
C ILE A 10 2.39 4.90 -19.79
N TYR A 11 2.65 5.00 -18.48
CA TYR A 11 2.82 6.30 -17.86
C TYR A 11 4.20 6.85 -18.20
N HIS A 12 4.27 8.15 -18.45
CA HIS A 12 5.51 8.82 -18.82
C HIS A 12 6.14 9.55 -17.64
N CYS A 13 5.45 9.53 -16.50
CA CYS A 13 5.96 10.17 -15.30
C CYS A 13 5.48 9.45 -14.05
N LYS A 14 6.37 9.36 -13.07
CA LYS A 14 6.07 8.73 -11.80
C LYS A 14 6.83 9.46 -10.71
N PHE A 15 6.15 9.76 -9.61
CA PHE A 15 6.80 10.39 -8.48
C PHE A 15 6.09 10.08 -7.17
N GLY A 16 6.76 10.37 -6.07
CA GLY A 16 6.23 10.08 -4.74
C GLY A 16 6.77 8.78 -4.18
N GLU A 17 6.70 8.66 -2.87
CA GLU A 17 7.05 7.43 -2.16
C GLU A 17 6.52 7.57 -0.74
N PHE A 18 6.60 6.50 0.06
CA PHE A 18 6.12 6.59 1.42
C PHE A 18 7.03 7.47 2.25
N GLY A 19 6.45 8.25 3.16
CA GLY A 19 7.22 9.04 4.09
C GLY A 19 6.56 10.34 4.52
N VAL A 20 7.26 11.10 5.35
CA VAL A 20 6.74 12.35 5.92
C VAL A 20 7.48 13.57 5.40
N MET A 21 8.49 13.34 4.55
CA MET A 21 9.29 14.43 4.01
C MET A 21 8.66 15.00 2.75
N GLU A 22 9.27 16.06 2.21
CA GLU A 22 8.79 16.69 0.98
C GLU A 22 8.84 15.68 -0.15
N GLY A 23 7.75 15.56 -0.90
CA GLY A 23 7.68 14.64 -2.03
C GLY A 23 7.40 13.22 -1.59
N GLN A 24 7.04 13.05 -0.32
CA GLN A 24 6.65 11.74 0.21
C GLN A 24 5.23 11.81 0.75
N PHE A 25 4.52 10.69 0.66
CA PHE A 25 3.13 10.62 1.12
C PHE A 25 2.91 9.50 2.13
N THR A 26 1.88 9.69 2.95
CA THR A 26 1.37 8.62 3.80
C THR A 26 0.08 8.10 3.17
N GLU A 27 -0.72 9.01 2.65
CA GLU A 27 -1.93 8.65 1.92
C GLU A 27 -2.35 9.75 0.94
N PRO A 28 -2.06 9.56 -0.36
CA PRO A 28 -2.45 10.56 -1.36
C PRO A 28 -3.89 10.35 -1.82
N SER A 29 -4.85 10.69 -0.95
CA SER A 29 -6.25 10.40 -1.19
C SER A 29 -6.88 11.26 -2.29
N GLY A 30 -6.36 12.47 -2.45
CA GLY A 30 -6.93 13.41 -3.39
C GLY A 30 -5.89 14.08 -4.26
N VAL A 31 -6.27 14.35 -5.51
CA VAL A 31 -5.39 15.04 -6.43
C VAL A 31 -6.18 16.04 -7.27
N ALA A 32 -5.56 17.19 -7.52
CA ALA A 32 -6.16 18.23 -8.34
C ALA A 32 -5.08 18.94 -9.14
N VAL A 33 -5.49 19.65 -10.19
CA VAL A 33 -4.57 20.34 -11.07
C VAL A 33 -5.05 21.78 -11.31
N ASN A 34 -4.12 22.74 -11.24
CA ASN A 34 -4.48 24.14 -11.47
C ASN A 34 -4.23 24.54 -12.92
N ALA A 35 -4.38 25.83 -13.20
CA ALA A 35 -4.30 26.33 -14.57
C ALA A 35 -2.91 26.17 -15.18
N GLN A 36 -1.89 26.12 -14.34
CA GLN A 36 -0.51 25.95 -14.79
C GLN A 36 -0.05 24.49 -14.73
N ASN A 37 -1.01 23.58 -14.58
CA ASN A 37 -0.75 22.15 -14.51
C ASN A 37 0.13 21.74 -13.33
N ASP A 38 0.16 22.56 -12.28
CA ASP A 38 0.74 22.12 -11.01
C ASP A 38 -0.15 21.02 -10.46
N ILE A 39 0.46 20.01 -9.86
CA ILE A 39 -0.29 18.88 -9.32
C ILE A 39 -0.40 19.06 -7.81
N ILE A 40 -1.64 19.12 -7.33
CA ILE A 40 -1.94 19.40 -5.93
C ILE A 40 -2.46 18.13 -5.27
N VAL A 41 -1.81 17.70 -4.19
CA VAL A 41 -2.10 16.42 -3.58
C VAL A 41 -2.51 16.56 -2.12
N ALA A 42 -3.63 15.95 -1.77
CA ALA A 42 -4.06 15.84 -0.38
C ALA A 42 -3.34 14.66 0.27
N ASP A 43 -2.39 14.96 1.15
CA ASP A 43 -1.60 13.95 1.84
C ASP A 43 -2.20 13.72 3.23
N THR A 44 -3.25 12.89 3.25
CA THR A 44 -4.17 12.84 4.38
C THR A 44 -3.53 12.63 5.75
N ASN A 45 -2.83 11.51 5.92
CA ASN A 45 -2.30 11.14 7.23
C ASN A 45 -1.07 11.96 7.64
N ASN A 46 -0.60 12.81 6.74
CA ASN A 46 0.39 13.83 7.09
C ASN A 46 -0.27 15.18 7.34
N HIS A 47 -1.59 15.23 7.18
CA HIS A 47 -2.38 16.43 7.46
C HIS A 47 -1.83 17.65 6.75
N ARG A 48 -1.57 17.48 5.45
CA ARG A 48 -0.99 18.54 4.65
C ARG A 48 -1.42 18.46 3.19
N ILE A 49 -1.22 19.55 2.47
CA ILE A 49 -1.38 19.58 1.02
C ILE A 49 0.01 19.78 0.42
N GLN A 50 0.33 18.99 -0.59
CA GLN A 50 1.60 19.14 -1.29
C GLN A 50 1.36 19.54 -2.75
N ILE A 51 2.20 20.46 -3.24
CA ILE A 51 2.08 20.98 -4.58
C ILE A 51 3.33 20.65 -5.39
N PHE A 52 3.11 20.06 -6.57
CA PHE A 52 4.19 19.72 -7.48
C PHE A 52 3.95 20.44 -8.80
N ASP A 53 4.99 20.59 -9.62
CA ASP A 53 4.80 21.10 -10.97
C ASP A 53 4.36 19.95 -11.88
N LYS A 54 4.12 20.27 -13.14
CA LYS A 54 3.58 19.30 -14.09
C LYS A 54 4.50 18.10 -14.32
N GLU A 55 5.74 18.18 -13.85
CA GLU A 55 6.71 17.10 -14.02
C GLU A 55 7.00 16.35 -12.72
N GLY A 56 6.23 16.66 -11.68
CA GLY A 56 6.33 15.93 -10.43
C GLY A 56 7.44 16.42 -9.53
N ARG A 57 7.91 17.64 -9.77
CA ARG A 57 8.88 18.26 -8.88
C ARG A 57 8.17 18.98 -7.75
N PHE A 58 8.62 18.72 -6.53
CA PHE A 58 8.04 19.35 -5.35
C PHE A 58 8.30 20.85 -5.35
N LYS A 59 7.23 21.63 -5.21
CA LYS A 59 7.34 23.07 -5.06
C LYS A 59 7.24 23.49 -3.60
N PHE A 60 6.12 23.18 -2.97
CA PHE A 60 5.89 23.55 -1.58
C PHE A 60 4.72 22.79 -0.97
N GLN A 61 4.58 22.94 0.35
CA GLN A 61 3.52 22.30 1.11
C GLN A 61 2.89 23.29 2.08
N PHE A 62 1.67 23.00 2.51
CA PHE A 62 1.04 23.77 3.57
C PHE A 62 0.10 22.91 4.40
N GLY A 63 -0.17 23.37 5.62
CA GLY A 63 -1.05 22.67 6.52
C GLY A 63 -0.30 21.82 7.53
N GLU A 64 -0.91 21.63 8.69
CA GLU A 64 -0.38 20.73 9.71
C GLU A 64 -1.55 20.23 10.53
N CYS A 65 -1.30 19.19 11.34
CA CYS A 65 -2.38 18.56 12.10
C CYS A 65 -3.03 19.51 13.09
N GLY A 66 -4.35 19.58 13.04
CA GLY A 66 -5.10 20.39 13.99
C GLY A 66 -6.49 20.78 13.50
N LYS A 67 -7.27 21.35 14.41
CA LYS A 67 -8.63 21.78 14.12
C LYS A 67 -8.74 23.30 14.08
N ARG A 68 -7.64 23.98 14.43
CA ARG A 68 -7.60 25.43 14.38
C ARG A 68 -7.59 25.92 12.93
N ASP A 69 -7.67 27.23 12.75
CA ASP A 69 -7.59 27.82 11.42
C ASP A 69 -6.19 27.63 10.83
N GLN A 71 -4.66 24.89 9.85
CA GLN A 71 -4.41 23.49 10.15
C GLN A 71 -5.45 22.58 9.50
N LEU A 72 -5.03 21.34 9.20
CA LEU A 72 -5.91 20.36 8.57
C LEU A 72 -5.99 19.09 9.39
N LEU A 73 -7.12 18.41 9.28
CA LEU A 73 -7.30 17.10 9.93
C LEU A 73 -7.93 16.13 8.95
N TYR A 74 -7.08 15.30 8.36
CA TYR A 74 -7.49 14.29 7.39
C TYR A 74 -8.13 14.90 6.14
N PRO A 75 -7.37 15.77 5.43
CA PRO A 75 -7.82 16.25 4.13
C PRO A 75 -7.83 15.10 3.12
N ASN A 76 -8.92 14.91 2.39
CA ASN A 76 -9.06 13.74 1.52
C ASN A 76 -9.25 14.07 0.03
N ARG A 77 -9.83 15.23 -0.27
CA ARG A 77 -10.04 15.62 -1.66
CA ARG A 77 -10.05 15.63 -1.66
C ARG A 77 -9.65 17.08 -1.87
N VAL A 78 -9.34 17.41 -3.12
CA VAL A 78 -8.94 18.76 -3.49
C VAL A 78 -9.51 19.15 -4.85
N ALA A 79 -9.76 20.44 -5.02
CA ALA A 79 -10.17 21.00 -6.30
C ALA A 79 -9.60 22.40 -6.41
N VAL A 80 -9.54 22.92 -7.64
CA VAL A 80 -8.96 24.24 -7.89
C VAL A 80 -9.98 25.19 -8.51
N VAL A 81 -10.06 26.39 -7.93
CA VAL A 81 -10.77 27.49 -8.56
C VAL A 81 -9.86 28.07 -9.64
N ARG A 82 -10.20 27.78 -10.89
CA ARG A 82 -9.34 28.09 -12.04
C ARG A 82 -8.78 29.51 -12.07
N ASN A 83 -9.66 30.51 -12.07
CA ASN A 83 -9.23 31.89 -12.26
C ASN A 83 -8.34 32.42 -11.13
N SER A 84 -8.68 32.08 -9.89
CA SER A 84 -7.94 32.58 -8.73
C SER A 84 -6.79 31.67 -8.35
N GLY A 85 -6.90 30.39 -8.69
CA GLY A 85 -5.89 29.42 -8.31
C GLY A 85 -6.07 28.99 -6.85
N ASP A 86 -7.21 29.34 -6.28
CA ASP A 86 -7.53 28.93 -4.92
C ASP A 86 -7.67 27.42 -4.85
N ILE A 87 -7.26 26.84 -3.73
CA ILE A 87 -7.34 25.40 -3.52
C ILE A 87 -8.47 25.09 -2.55
N ILE A 88 -9.46 24.35 -3.04
CA ILE A 88 -10.57 23.88 -2.21
C ILE A 88 -10.23 22.52 -1.61
N VAL A 89 -10.25 22.44 -0.28
CA VAL A 89 -9.93 21.21 0.43
C VAL A 89 -11.13 20.72 1.23
N THR A 90 -11.42 19.43 1.11
CA THR A 90 -12.38 18.80 2.00
C THR A 90 -11.62 17.92 2.98
N GLU A 91 -12.15 17.83 4.20
CA GLU A 91 -11.63 16.94 5.23
C GLU A 91 -12.69 15.88 5.44
N ARG A 92 -12.30 14.63 5.66
CA ARG A 92 -13.31 13.60 5.92
C ARG A 92 -13.75 13.68 7.37
N SER A 93 -14.79 12.91 7.70
CA SER A 93 -15.26 12.78 9.08
C SER A 93 -14.09 12.42 9.98
N PRO A 94 -14.10 12.89 11.25
CA PRO A 94 -15.15 13.62 11.98
C PRO A 94 -15.29 15.09 11.59
N THR A 95 -14.27 15.67 10.99
CA THR A 95 -14.30 17.08 10.64
C THR A 95 -15.35 17.38 9.58
N HIS A 96 -15.31 16.62 8.48
CA HIS A 96 -16.22 16.77 7.34
C HIS A 96 -16.61 18.22 7.07
N GLN A 97 -15.64 19.01 6.61
CA GLN A 97 -15.88 20.40 6.24
C GLN A 97 -15.06 20.76 5.00
N ILE A 98 -15.32 21.96 4.48
CA ILE A 98 -14.53 22.51 3.39
C ILE A 98 -13.58 23.56 3.94
N GLN A 99 -12.35 23.56 3.43
CA GLN A 99 -11.39 24.61 3.72
C GLN A 99 -10.91 25.23 2.41
N ILE A 100 -10.71 26.55 2.42
CA ILE A 100 -10.23 27.25 1.25
C ILE A 100 -8.86 27.85 1.56
N TYR A 101 -7.90 27.54 0.69
CA TYR A 101 -6.56 28.11 0.75
C TYR A 101 -6.30 28.82 -0.59
N ASN A 102 -5.50 29.89 -0.56
CA ASN A 102 -5.17 30.57 -1.80
C ASN A 102 -4.00 29.89 -2.48
N GLN A 103 -3.59 30.40 -3.63
CA GLN A 103 -2.56 29.78 -4.44
C GLN A 103 -1.22 29.68 -3.71
N TYR A 104 -1.05 30.46 -2.65
CA TYR A 104 0.20 30.45 -1.90
C TYR A 104 0.16 29.50 -0.69
N GLY A 105 -0.95 28.80 -0.50
CA GLY A 105 -1.08 27.88 0.61
C GLY A 105 -1.47 28.59 1.89
N GLN A 106 -2.02 29.79 1.75
CA GLN A 106 -2.50 30.56 2.90
C GLN A 106 -3.97 30.25 3.17
N PHE A 107 -4.28 30.02 4.44
CA PHE A 107 -5.65 29.76 4.85
C PHE A 107 -6.54 30.97 4.60
N VAL A 108 -7.67 30.74 3.91
CA VAL A 108 -8.64 31.79 3.64
C VAL A 108 -9.82 31.67 4.60
N ARG A 109 -10.50 30.53 4.54
CA ARG A 109 -11.65 30.27 5.40
C ARG A 109 -12.06 28.79 5.38
N LYS A 110 -12.95 28.42 6.30
CA LYS A 110 -13.51 27.08 6.38
C LYS A 110 -15.00 27.15 6.65
N PHE A 111 -15.75 26.16 6.15
CA PHE A 111 -17.20 26.13 6.35
C PHE A 111 -17.78 24.76 6.03
N GLY A 112 -19.08 24.60 6.32
CA GLY A 112 -19.80 23.40 5.97
C GLY A 112 -19.67 22.26 6.95
N ALA A 113 -19.03 22.51 8.09
CA ALA A 113 -18.77 21.47 9.08
C ALA A 113 -20.06 20.85 9.62
N THR A 114 -21.10 21.65 9.78
CA THR A 114 -22.34 21.18 10.38
C THR A 114 -23.30 20.58 9.35
N ILE A 115 -22.97 20.68 8.07
CA ILE A 115 -23.85 20.19 7.01
C ILE A 115 -23.27 18.96 6.31
N LEU A 116 -21.96 18.95 6.09
CA LEU A 116 -21.30 17.85 5.41
C LEU A 116 -21.07 16.70 6.39
N GLN A 117 -21.30 15.48 5.93
CA GLN A 117 -21.06 14.29 6.74
C GLN A 117 -19.93 13.42 6.18
N HIS A 118 -19.99 13.11 4.89
CA HIS A 118 -19.00 12.22 4.27
C HIS A 118 -18.58 12.72 2.88
N PRO A 119 -17.77 13.79 2.83
CA PRO A 119 -17.32 14.31 1.55
C PRO A 119 -16.42 13.32 0.81
N ARG A 120 -16.77 13.00 -0.43
CA ARG A 120 -16.07 11.97 -1.18
C ARG A 120 -15.60 12.46 -2.55
N GLY A 121 -16.13 13.61 -2.98
CA GLY A 121 -15.72 14.22 -4.23
C GLY A 121 -16.04 15.70 -4.23
N VAL A 122 -15.17 16.51 -4.85
CA VAL A 122 -15.36 17.96 -4.88
C VAL A 122 -14.90 18.55 -6.21
N THR A 123 -15.61 19.58 -6.67
CA THR A 123 -15.25 20.29 -7.88
C THR A 123 -15.78 21.73 -7.84
N VAL A 124 -15.43 22.52 -8.85
CA VAL A 124 -15.85 23.91 -8.94
C VAL A 124 -16.32 24.22 -10.36
N ASP A 125 -17.50 24.84 -10.49
CA ASP A 125 -17.98 25.22 -11.81
C ASP A 125 -17.37 26.55 -12.24
N ASN A 126 -17.66 26.98 -13.46
CA ASN A 126 -17.04 28.17 -14.03
C ASN A 126 -17.49 29.46 -13.34
N LYS A 127 -18.56 29.38 -12.54
CA LYS A 127 -19.07 30.54 -11.81
C LYS A 127 -18.54 30.59 -10.38
N GLY A 128 -17.69 29.62 -10.03
CA GLY A 128 -17.05 29.61 -8.72
C GLY A 128 -17.84 28.89 -7.63
N ARG A 129 -18.94 28.23 -8.01
CA ARG A 129 -19.73 27.46 -7.05
C ARG A 129 -19.02 26.13 -6.75
N ILE A 130 -18.96 25.78 -5.47
CA ILE A 130 -18.27 24.56 -5.03
C ILE A 130 -19.27 23.42 -4.87
N ILE A 131 -19.03 22.33 -5.61
CA ILE A 131 -19.93 21.18 -5.57
C ILE A 131 -19.26 19.98 -4.92
N VAL A 132 -19.90 19.48 -3.87
CA VAL A 132 -19.43 18.32 -3.12
C VAL A 132 -20.40 17.17 -3.29
N VAL A 133 -19.88 15.97 -3.57
CA VAL A 133 -20.69 14.76 -3.58
C VAL A 133 -20.33 13.93 -2.37
N GLU A 134 -21.34 13.36 -1.72
CA GLU A 134 -21.15 12.59 -0.50
C GLU A 134 -21.57 11.14 -0.65
N CYS A 135 -20.68 10.23 -0.26
CA CYS A 135 -20.98 8.81 -0.25
C CYS A 135 -21.78 8.47 1.01
N LYS A 136 -22.24 7.22 1.08
CA LYS A 136 -23.07 6.73 2.19
C LYS A 136 -24.46 7.38 2.18
N VAL A 137 -24.51 8.69 2.38
CA VAL A 137 -25.78 9.42 2.42
C VAL A 137 -26.29 9.83 1.02
N MET A 138 -25.39 9.79 0.04
CA MET A 138 -25.76 10.05 -1.35
C MET A 138 -26.33 11.46 -1.55
N ARG A 139 -25.55 12.48 -1.18
CA ARG A 139 -25.96 13.87 -1.31
CA ARG A 139 -25.98 13.87 -1.32
C ARG A 139 -25.06 14.66 -2.25
N VAL A 140 -25.62 15.69 -2.86
CA VAL A 140 -24.85 16.69 -3.57
C VAL A 140 -25.17 18.03 -2.92
N ILE A 141 -24.14 18.75 -2.55
CA ILE A 141 -24.30 20.05 -1.91
C ILE A 141 -23.47 21.09 -2.65
N ILE A 142 -24.12 22.18 -3.05
CA ILE A 142 -23.45 23.24 -3.79
C ILE A 142 -23.33 24.48 -2.90
N PHE A 143 -22.10 24.95 -2.74
CA PHE A 143 -21.80 26.10 -1.90
C PHE A 143 -21.38 27.29 -2.75
N ASP A 144 -21.44 28.49 -2.17
CA ASP A 144 -20.72 29.62 -2.73
C ASP A 144 -19.42 29.73 -1.93
N GLN A 145 -18.52 30.59 -2.38
CA GLN A 145 -17.19 30.65 -1.78
C GLN A 145 -17.19 31.30 -0.40
N ASN A 146 -18.36 31.73 0.07
CA ASN A 146 -18.50 32.23 1.44
C ASN A 146 -19.11 31.19 2.37
N GLY A 147 -19.60 30.09 1.79
CA GLY A 147 -20.06 28.95 2.56
C GLY A 147 -21.57 28.81 2.62
N ASN A 148 -22.28 29.64 1.86
CA ASN A 148 -23.72 29.52 1.77
C ASN A 148 -24.14 28.39 0.85
N VAL A 149 -25.11 27.58 1.29
CA VAL A 149 -25.61 26.48 0.49
C VAL A 149 -26.58 26.99 -0.56
N LEU A 150 -26.23 26.81 -1.82
CA LEU A 150 -27.04 27.29 -2.94
C LEU A 150 -28.01 26.21 -3.41
N HIS A 151 -27.54 24.98 -3.46
CA HIS A 151 -28.35 23.86 -3.89
C HIS A 151 -28.08 22.66 -3.01
N LYS A 152 -29.03 21.73 -2.96
CA LYS A 152 -28.90 20.54 -2.13
C LYS A 152 -29.95 19.51 -2.50
N PHE A 153 -29.52 18.28 -2.72
CA PHE A 153 -30.43 17.19 -3.06
C PHE A 153 -29.84 15.83 -2.78
N GLY A 154 -30.72 14.87 -2.49
CA GLY A 154 -30.32 13.49 -2.29
C GLY A 154 -30.48 12.72 -3.59
N CYS A 155 -29.65 11.70 -3.78
CA CYS A 155 -29.73 10.86 -4.97
C CYS A 155 -29.54 9.39 -4.60
N SER A 156 -30.04 9.03 -3.43
CA SER A 156 -29.96 7.65 -2.95
C SER A 156 -30.72 6.69 -3.87
N LYS A 157 -31.58 7.25 -4.71
CA LYS A 157 -32.36 6.47 -5.65
C LYS A 157 -31.54 6.06 -6.87
N HIS A 158 -30.52 6.85 -7.18
CA HIS A 158 -29.74 6.66 -8.40
C HIS A 158 -28.28 6.29 -8.13
N LEU A 159 -27.80 6.51 -6.91
CA LEU A 159 -26.39 6.30 -6.59
C LEU A 159 -26.15 5.22 -5.53
N GLU A 160 -25.19 4.35 -5.81
CA GLU A 160 -24.80 3.28 -4.89
C GLU A 160 -23.50 3.62 -4.17
N PHE A 161 -22.52 4.12 -4.92
CA PHE A 161 -21.23 4.49 -4.35
C PHE A 161 -20.58 5.59 -5.17
N PRO A 162 -20.95 6.85 -4.90
CA PRO A 162 -20.35 7.99 -5.61
C PRO A 162 -18.96 8.33 -5.07
N ASN A 163 -17.99 8.49 -5.97
CA ASN A 163 -16.60 8.69 -5.56
C ASN A 163 -15.86 9.74 -6.39
N GLY A 164 -16.58 10.46 -7.23
CA GLY A 164 -15.98 11.49 -8.05
C GLY A 164 -17.02 12.38 -8.70
N VAL A 165 -16.64 13.62 -9.00
CA VAL A 165 -17.57 14.56 -9.60
C VAL A 165 -16.88 15.67 -10.39
N VAL A 166 -17.47 16.02 -11.53
CA VAL A 166 -17.08 17.19 -12.31
C VAL A 166 -18.35 17.85 -12.84
N VAL A 167 -18.19 19.03 -13.44
CA VAL A 167 -19.32 19.75 -14.03
C VAL A 167 -18.97 20.44 -15.34
N ASN A 168 -19.97 20.64 -16.18
CA ASN A 168 -19.82 21.48 -17.37
C ASN A 168 -20.32 22.89 -17.07
N ASP A 169 -20.50 23.69 -18.12
CA ASP A 169 -20.98 25.06 -17.96
C ASP A 169 -22.49 25.15 -18.23
N LYS A 170 -23.16 24.00 -18.16
CA LYS A 170 -24.58 23.91 -18.44
C LYS A 170 -25.35 23.47 -17.20
N GLN A 171 -24.71 23.60 -16.04
CA GLN A 171 -25.28 23.14 -14.77
C GLN A 171 -25.64 21.66 -14.83
N GLU A 172 -24.76 20.86 -15.44
CA GLU A 172 -24.88 19.42 -15.41
C GLU A 172 -23.75 18.83 -14.57
N ILE A 173 -24.11 17.96 -13.63
CA ILE A 173 -23.15 17.36 -12.72
C ILE A 173 -22.92 15.89 -13.07
N PHE A 174 -21.66 15.55 -13.34
CA PHE A 174 -21.26 14.20 -13.73
C PHE A 174 -20.60 13.47 -12.56
N ILE A 175 -21.30 12.47 -12.02
CA ILE A 175 -20.83 11.75 -10.83
C ILE A 175 -20.49 10.30 -11.18
N SER A 176 -19.26 9.90 -10.90
CA SER A 176 -18.85 8.51 -11.08
C SER A 176 -19.37 7.66 -9.94
N ASP A 177 -19.95 6.51 -10.27
CA ASP A 177 -20.53 5.59 -9.29
C ASP A 177 -19.83 4.24 -9.36
N ASN A 178 -19.09 3.92 -8.31
CA ASN A 178 -18.26 2.72 -8.29
C ASN A 178 -19.05 1.44 -8.45
N ARG A 179 -20.24 1.37 -7.85
CA ARG A 179 -21.03 0.15 -7.85
C ARG A 179 -22.11 0.12 -8.93
N ALA A 180 -22.33 1.24 -9.60
CA ALA A 180 -23.22 1.27 -10.76
C ALA A 180 -22.43 1.14 -12.06
N HIS A 181 -21.09 1.16 -11.94
CA HIS A 181 -20.21 0.95 -13.07
C HIS A 181 -20.46 1.94 -14.20
N CYS A 182 -20.61 3.21 -13.84
CA CYS A 182 -20.92 4.25 -14.81
C CYS A 182 -20.87 5.64 -14.18
N VAL A 183 -21.06 6.65 -15.03
CA VAL A 183 -21.29 8.01 -14.56
C VAL A 183 -22.77 8.34 -14.66
N LYS A 184 -23.30 8.96 -13.61
CA LYS A 184 -24.69 9.43 -13.58
C LYS A 184 -24.70 10.95 -13.71
N VAL A 185 -25.57 11.46 -14.57
CA VAL A 185 -25.65 12.91 -14.81
C VAL A 185 -26.90 13.51 -14.16
N PHE A 186 -26.70 14.63 -13.48
CA PHE A 186 -27.79 15.35 -12.80
C PHE A 186 -27.73 16.84 -13.13
N ASN A 187 -28.78 17.58 -12.82
CA ASN A 187 -28.72 19.03 -12.84
C ASN A 187 -28.65 19.58 -11.42
N TYR A 188 -28.52 20.89 -11.27
CA TYR A 188 -28.36 21.48 -9.94
C TYR A 188 -29.61 21.31 -9.09
N GLU A 189 -30.75 21.10 -9.73
CA GLU A 189 -32.01 20.89 -9.02
C GLU A 189 -32.10 19.47 -8.45
N GLY A 190 -31.30 18.57 -9.01
CA GLY A 190 -31.22 17.20 -8.54
C GLY A 190 -31.94 16.21 -9.43
N GLN A 191 -32.40 16.66 -10.59
CA GLN A 191 -33.09 15.78 -11.52
C GLN A 191 -32.08 14.89 -12.22
N TYR A 192 -32.35 13.59 -12.25
CA TYR A 192 -31.50 12.65 -12.97
C TYR A 192 -31.72 12.81 -14.47
N LEU A 193 -30.64 13.04 -15.21
CA LEU A 193 -30.72 13.32 -16.64
C LEU A 193 -30.38 12.13 -17.51
N ARG A 194 -29.24 11.50 -17.26
CA ARG A 194 -28.76 10.42 -18.11
C ARG A 194 -27.57 9.68 -17.52
N GLN A 195 -27.17 8.61 -18.20
CA GLN A 195 -26.05 7.77 -17.77
C GLN A 195 -24.96 7.76 -18.84
N ILE A 196 -23.71 7.80 -18.40
CA ILE A 196 -22.57 7.68 -19.29
C ILE A 196 -21.75 6.46 -18.89
N GLY A 197 -21.45 5.60 -19.86
CA GLY A 197 -20.77 4.34 -19.60
C GLY A 197 -21.74 3.31 -19.06
N GLY A 198 -21.20 2.21 -18.54
CA GLY A 198 -22.01 1.14 -18.01
C GLY A 198 -21.20 -0.13 -17.78
N GLU A 199 -21.89 -1.20 -17.38
CA GLU A 199 -21.22 -2.48 -17.17
C GLU A 199 -20.61 -2.96 -18.47
N GLY A 200 -19.36 -3.43 -18.39
CA GLY A 200 -18.66 -3.95 -19.54
C GLY A 200 -17.59 -3.04 -20.09
N ILE A 201 -17.71 -1.73 -19.85
CA ILE A 201 -16.71 -0.77 -20.34
C ILE A 201 -16.20 0.19 -19.26
N THR A 202 -16.98 0.40 -18.21
CA THR A 202 -16.54 1.25 -17.11
C THR A 202 -16.86 0.62 -15.77
N ASN A 203 -16.30 -0.56 -15.53
CA ASN A 203 -16.52 -1.28 -14.28
C ASN A 203 -15.71 -0.66 -13.15
N TYR A 204 -16.37 -0.44 -12.02
CA TYR A 204 -15.72 0.06 -10.81
C TYR A 204 -14.92 1.34 -11.06
N PRO A 205 -15.61 2.38 -11.55
CA PRO A 205 -14.93 3.67 -11.78
C PRO A 205 -14.43 4.27 -10.48
N ILE A 206 -13.27 4.90 -10.53
CA ILE A 206 -12.63 5.49 -9.35
C ILE A 206 -12.58 7.00 -9.47
N GLY A 207 -12.99 7.52 -10.61
CA GLY A 207 -13.02 8.96 -10.81
C GLY A 207 -13.54 9.36 -12.17
N VAL A 208 -13.77 10.66 -12.34
CA VAL A 208 -14.28 11.20 -13.59
C VAL A 208 -13.62 12.55 -13.87
N GLY A 209 -13.46 12.87 -15.14
CA GLY A 209 -12.87 14.14 -15.55
C GLY A 209 -13.59 14.73 -16.75
N ILE A 210 -13.49 16.05 -16.89
CA ILE A 210 -13.97 16.74 -18.09
C ILE A 210 -12.83 17.61 -18.61
N ASN A 211 -12.40 17.37 -19.84
CA ASN A 211 -11.24 18.07 -20.39
C ASN A 211 -11.63 19.34 -21.13
N SER A 212 -10.63 20.00 -21.70
CA SER A 212 -10.84 21.29 -22.36
C SER A 212 -11.78 21.20 -23.57
N ASN A 213 -11.99 19.99 -24.07
CA ASN A 213 -12.90 19.76 -25.19
C ASN A 213 -14.34 19.49 -24.75
N GLY A 214 -14.56 19.46 -23.44
CA GLY A 214 -15.86 19.10 -22.91
C GLY A 214 -16.11 17.61 -22.97
N GLU A 215 -15.07 16.85 -23.28
CA GLU A 215 -15.16 15.40 -23.34
C GLU A 215 -15.10 14.80 -21.93
N ILE A 216 -15.85 13.73 -21.71
CA ILE A 216 -15.93 13.09 -20.40
C ILE A 216 -14.99 11.88 -20.31
N LEU A 217 -14.07 11.93 -19.36
CA LEU A 217 -13.16 10.82 -19.10
C LEU A 217 -13.61 10.05 -17.86
N ILE A 218 -13.77 8.74 -18.00
CA ILE A 218 -14.06 7.86 -16.88
C ILE A 218 -12.87 6.94 -16.63
N ALA A 219 -12.34 6.99 -15.42
CA ALA A 219 -11.19 6.18 -15.04
C ALA A 219 -11.62 5.05 -14.12
N ASP A 220 -11.02 3.87 -14.32
CA ASP A 220 -11.26 2.73 -13.43
C ASP A 220 -10.01 1.85 -13.34
N ASN A 221 -9.99 1.01 -12.31
CA ASN A 221 -8.89 0.08 -12.07
C ASN A 221 -9.41 -1.34 -11.89
N HIS A 222 -10.43 -1.71 -12.66
CA HIS A 222 -11.12 -2.99 -12.48
C HIS A 222 -10.21 -4.18 -12.76
N ASN A 223 -9.25 -4.02 -13.66
CA ASN A 223 -8.22 -5.03 -13.89
C ASN A 223 -6.87 -4.34 -14.11
N ASN A 224 -6.68 -3.80 -15.31
CA ASN A 224 -5.62 -2.83 -15.54
C ASN A 224 -6.19 -1.45 -15.21
N PHE A 225 -5.40 -0.41 -15.40
CA PHE A 225 -5.92 0.94 -15.26
C PHE A 225 -6.50 1.38 -16.60
N ASN A 226 -7.80 1.69 -16.60
CA ASN A 226 -8.51 2.01 -17.82
C ASN A 226 -8.99 3.45 -17.88
N LEU A 227 -8.89 4.03 -19.07
CA LEU A 227 -9.48 5.33 -19.36
C LEU A 227 -10.47 5.17 -20.50
N THR A 228 -11.72 5.55 -20.26
CA THR A 228 -12.75 5.48 -21.27
C THR A 228 -13.32 6.88 -21.46
N ILE A 229 -13.32 7.33 -22.71
CA ILE A 229 -13.61 8.72 -23.02
C ILE A 229 -14.89 8.82 -23.82
N PHE A 230 -15.77 9.73 -23.39
CA PHE A 230 -17.09 9.89 -24.00
C PHE A 230 -17.37 11.35 -24.34
N THR A 231 -18.41 11.56 -25.14
CA THR A 231 -19.01 12.87 -25.28
C THR A 231 -20.05 13.01 -24.17
N GLN A 232 -20.49 14.22 -23.92
CA GLN A 232 -21.42 14.46 -22.82
C GLN A 232 -22.78 13.80 -23.03
N ASP A 233 -23.09 13.45 -24.28
CA ASP A 233 -24.35 12.77 -24.60
C ASP A 233 -24.23 11.25 -24.36
N GLY A 234 -23.01 10.79 -24.14
CA GLY A 234 -22.75 9.40 -23.76
C GLY A 234 -22.11 8.56 -24.84
N GLN A 235 -21.76 9.19 -25.95
CA GLN A 235 -21.13 8.48 -27.07
C GLN A 235 -19.66 8.20 -26.80
N LEU A 236 -19.25 6.95 -26.98
CA LEU A 236 -17.88 6.53 -26.78
C LEU A 236 -17.00 7.01 -27.92
N ILE A 237 -15.87 7.63 -27.60
CA ILE A 237 -14.97 8.18 -28.62
C ILE A 237 -13.52 7.70 -28.48
N SER A 238 -13.15 7.23 -27.29
CA SER A 238 -11.81 6.69 -27.08
C SER A 238 -11.76 5.77 -25.86
N ALA A 239 -10.86 4.79 -25.91
CA ALA A 239 -10.71 3.84 -24.81
C ALA A 239 -9.26 3.35 -24.71
N LEU A 240 -8.69 3.45 -23.51
CA LEU A 240 -7.30 3.06 -23.28
C LEU A 240 -7.19 2.17 -22.05
N GLU A 241 -6.08 1.44 -21.96
CA GLU A 241 -5.81 0.59 -20.79
C GLU A 241 -4.31 0.45 -20.58
N SER A 242 -3.90 0.46 -19.32
CA SER A 242 -2.48 0.41 -18.97
C SER A 242 -1.85 -0.94 -19.25
N LYS A 243 -0.54 -0.93 -19.45
CA LYS A 243 0.22 -2.15 -19.70
C LYS A 243 0.54 -2.86 -18.39
N VAL A 244 0.66 -2.10 -17.31
CA VAL A 244 0.90 -2.66 -15.99
C VAL A 244 -0.30 -2.45 -15.09
N LYS A 245 -0.40 -3.26 -14.04
CA LYS A 245 -1.49 -3.13 -13.08
C LYS A 245 -1.07 -2.20 -11.94
N HIS A 246 -2.06 -1.60 -11.30
CA HIS A 246 -1.82 -0.62 -10.24
C HIS A 246 -2.48 -1.04 -8.94
N ALA A 247 -1.87 -0.61 -7.84
CA ALA A 247 -2.49 -0.75 -6.53
C ALA A 247 -3.77 0.08 -6.50
N GLN A 248 -4.55 -0.06 -5.43
CA GLN A 248 -5.81 0.68 -5.32
C GLN A 248 -5.61 2.17 -5.58
N CYS A 249 -6.47 2.71 -6.44
CA CYS A 249 -6.37 4.10 -6.86
C CYS A 249 -7.33 4.99 -6.07
N PHE A 250 -6.79 6.04 -5.47
CA PHE A 250 -7.58 6.95 -4.65
C PHE A 250 -8.38 7.95 -5.48
N ASP A 251 -7.72 8.54 -6.48
CA ASP A 251 -8.30 9.67 -7.19
C ASP A 251 -7.57 9.94 -8.51
N VAL A 252 -8.24 10.66 -9.41
CA VAL A 252 -7.62 11.06 -10.67
C VAL A 252 -7.92 12.53 -10.99
N ALA A 253 -7.03 13.16 -11.74
CA ALA A 253 -7.21 14.54 -12.19
C ALA A 253 -6.66 14.72 -13.59
N LEU A 254 -7.18 15.71 -14.30
CA LEU A 254 -6.79 15.96 -15.69
C LEU A 254 -5.76 17.07 -15.81
N MET A 255 -4.81 16.88 -16.73
CA MET A 255 -3.85 17.92 -17.08
C MET A 255 -4.14 18.35 -18.52
N ASP A 256 -4.09 19.65 -18.78
CA ASP A 256 -4.54 20.18 -20.06
C ASP A 256 -3.67 19.72 -21.24
N ASP A 257 -2.53 19.11 -20.95
CA ASP A 257 -1.67 18.59 -22.03
C ASP A 257 -2.22 17.27 -22.58
N GLY A 258 -3.34 16.83 -22.03
CA GLY A 258 -3.97 15.58 -22.44
C GLY A 258 -3.45 14.40 -21.64
N SER A 259 -3.42 14.58 -20.33
CA SER A 259 -2.95 13.54 -19.41
C SER A 259 -3.90 13.34 -18.25
N VAL A 260 -3.83 12.17 -17.64
CA VAL A 260 -4.51 11.90 -16.38
C VAL A 260 -3.45 11.63 -15.31
N VAL A 261 -3.59 12.30 -14.17
CA VAL A 261 -2.74 12.05 -13.01
C VAL A 261 -3.44 11.06 -12.10
N LEU A 262 -2.75 9.96 -11.78
CA LEU A 262 -3.32 8.87 -11.01
C LEU A 262 -2.63 8.74 -9.66
N ALA A 263 -3.39 8.86 -8.59
CA ALA A 263 -2.87 8.69 -7.24
C ALA A 263 -3.24 7.29 -6.73
N SER A 264 -2.23 6.56 -6.25
CA SER A 264 -2.39 5.14 -5.93
C SER A 264 -1.91 4.79 -4.52
N LYS A 265 -2.39 3.64 -4.03
CA LYS A 265 -2.13 3.21 -2.65
C LYS A 265 -0.68 2.74 -2.43
N ASP A 266 0.12 2.72 -3.50
CA ASP A 266 1.54 2.43 -3.38
C ASP A 266 2.32 3.72 -3.11
N TYR A 267 1.59 4.76 -2.71
CA TYR A 267 2.18 6.04 -2.28
C TYR A 267 2.90 6.74 -3.42
N ARG A 268 2.41 6.54 -4.64
CA ARG A 268 2.98 7.15 -5.82
C ARG A 268 1.90 7.73 -6.71
N LEU A 269 2.28 8.73 -7.50
CA LEU A 269 1.43 9.30 -8.52
C LEU A 269 1.98 8.96 -9.91
N TYR A 270 1.08 8.64 -10.83
CA TYR A 270 1.44 8.29 -12.20
C TYR A 270 0.71 9.21 -13.18
N ILE A 271 1.42 9.62 -14.23
CA ILE A 271 0.82 10.47 -15.27
C ILE A 271 0.73 9.69 -16.57
N TYR A 272 -0.51 9.44 -16.99
CA TYR A 272 -0.79 8.75 -18.26
C TYR A 272 -1.24 9.74 -19.31
N ARG A 273 -0.64 9.68 -20.49
CA ARG A 273 -1.07 10.46 -21.64
C ARG A 273 -2.18 9.70 -22.36
N TYR A 274 -3.29 10.37 -22.65
CA TYR A 274 -4.38 9.76 -23.39
C TYR A 274 -4.58 10.39 -24.76
N VAL A 275 -3.55 11.11 -25.23
CA VAL A 275 -3.49 11.59 -26.60
C VAL A 275 -2.22 11.04 -27.25
N GLN A 276 -2.19 11.03 -28.58
CA GLN A 276 -1.09 10.41 -29.30
C GLN A 276 -0.88 11.01 -30.67
N LEU A 277 0.29 10.75 -31.25
CA LEU A 277 0.58 11.14 -32.62
C LEU A 277 -0.27 10.34 -33.59
N ALA A 278 -0.68 10.98 -34.68
CA ALA A 278 -1.35 10.25 -35.76
C ALA A 278 -0.30 9.44 -36.51
N PRO A 279 -0.49 8.12 -36.62
CA PRO A 279 0.49 7.32 -37.36
C PRO A 279 0.49 7.68 -38.84
N VAL A 280 1.62 7.50 -39.52
CA VAL A 280 1.73 7.88 -40.92
C VAL A 280 1.00 6.88 -41.80
N GLY A 281 0.21 7.40 -42.74
CA GLY A 281 -0.58 6.58 -43.64
C GLY A 281 -0.27 6.89 -45.10
N GLN C 3 16.55 6.89 24.71
CA GLN C 3 17.76 7.13 25.50
C GLN C 3 19.01 6.67 24.75
N ILE C 4 18.81 5.78 23.78
CA ILE C 4 19.90 5.26 22.97
C ILE C 4 20.16 6.13 21.76
N LYS C 5 21.44 6.48 21.55
CA LYS C 5 21.85 7.18 20.35
C LYS C 5 22.14 6.13 19.30
N ARG C 6 21.26 6.04 18.30
CA ARG C 6 21.35 4.98 17.30
C ARG C 6 22.14 5.42 16.08
N GLN C 7 22.94 4.49 15.57
CA GLN C 7 23.65 4.68 14.32
C GLN C 7 22.64 4.81 13.19
N LYS C 8 22.77 5.88 12.40
CA LYS C 8 21.89 6.08 11.27
C LYS C 8 22.28 5.17 10.11
N MET C 9 21.29 4.69 9.38
CA MET C 9 21.53 3.83 8.24
C MET C 9 20.58 4.15 7.10
N ILE C 10 21.04 3.93 5.87
CA ILE C 10 20.21 4.04 4.68
C ILE C 10 20.35 2.75 3.89
N TYR C 11 19.31 2.41 3.15
CA TYR C 11 19.34 1.20 2.34
C TYR C 11 20.19 1.43 1.10
N HIS C 12 20.94 0.40 0.71
CA HIS C 12 21.81 0.46 -0.45
C HIS C 12 21.17 -0.23 -1.65
N CYS C 13 20.00 -0.83 -1.43
CA CYS C 13 19.29 -1.51 -2.49
C CYS C 13 17.79 -1.45 -2.28
N LYS C 14 17.06 -1.28 -3.38
CA LYS C 14 15.62 -1.22 -3.37
C LYS C 14 15.11 -1.83 -4.66
N PHE C 15 14.13 -2.72 -4.57
CA PHE C 15 13.52 -3.29 -5.76
C PHE C 15 12.09 -3.73 -5.51
N GLY C 16 11.36 -3.99 -6.60
CA GLY C 16 9.97 -4.36 -6.53
C GLY C 16 9.05 -3.18 -6.78
N GLU C 17 7.82 -3.49 -7.16
CA GLU C 17 6.76 -2.51 -7.35
C GLU C 17 5.46 -3.29 -7.44
N PHE C 18 4.33 -2.60 -7.46
CA PHE C 18 3.05 -3.30 -7.55
C PHE C 18 2.88 -3.92 -8.93
N GLY C 19 2.30 -5.11 -9.00
CA GLY C 19 1.99 -5.73 -10.27
C GLY C 19 2.05 -7.25 -10.26
N VAL C 20 1.77 -7.84 -11.42
CA VAL C 20 1.70 -9.29 -11.57
C VAL C 20 2.84 -9.85 -12.44
N MET C 21 3.69 -8.98 -12.95
CA MET C 21 4.80 -9.41 -13.81
C MET C 21 6.01 -9.77 -12.97
N GLU C 22 7.05 -10.27 -13.63
CA GLU C 22 8.28 -10.63 -12.92
C GLU C 22 8.87 -9.41 -12.23
N GLY C 23 9.22 -9.57 -10.97
CA GLY C 23 9.81 -8.49 -10.19
C GLY C 23 8.78 -7.52 -9.65
N GLN C 24 7.50 -7.90 -9.75
CA GLN C 24 6.41 -7.10 -9.20
C GLN C 24 5.65 -7.90 -8.16
N PHE C 25 5.09 -7.22 -7.16
CA PHE C 25 4.36 -7.88 -6.09
C PHE C 25 2.95 -7.33 -5.94
N THR C 26 2.07 -8.15 -5.39
CA THR C 26 0.78 -7.70 -4.92
C THR C 26 0.82 -7.61 -3.40
N GLU C 27 1.51 -8.56 -2.77
CA GLU C 27 1.74 -8.53 -1.32
C GLU C 27 2.97 -9.37 -0.94
N PRO C 28 4.10 -8.71 -0.64
CA PRO C 28 5.30 -9.45 -0.22
C PRO C 28 5.30 -9.74 1.28
N SER C 29 4.46 -10.69 1.69
CA SER C 29 4.22 -10.96 3.10
C SER C 29 5.41 -11.65 3.78
N GLY C 30 6.18 -12.40 3.00
CA GLY C 30 7.28 -13.18 3.55
C GLY C 30 8.54 -13.05 2.73
N VAL C 31 9.69 -13.06 3.42
CA VAL C 31 10.97 -13.03 2.75
C VAL C 31 11.95 -13.96 3.45
N ALA C 32 12.76 -14.65 2.65
CA ALA C 32 13.80 -15.53 3.17
C ALA C 32 15.02 -15.49 2.27
N VAL C 33 16.16 -15.93 2.80
CA VAL C 33 17.41 -15.90 2.08
C VAL C 33 18.13 -17.25 2.14
N ASN C 34 18.62 -17.73 1.01
CA ASN C 34 19.33 -19.00 0.96
C ASN C 34 20.84 -18.84 1.10
N ALA C 35 21.55 -19.95 0.95
CA ALA C 35 23.00 -19.98 1.18
C ALA C 35 23.76 -19.10 0.20
N GLN C 36 23.17 -18.86 -0.98
CA GLN C 36 23.81 -18.02 -2.00
C GLN C 36 23.30 -16.58 -1.91
N ASN C 37 22.61 -16.27 -0.81
CA ASN C 37 22.04 -14.95 -0.56
C ASN C 37 21.02 -14.52 -1.63
N ASP C 38 20.41 -15.50 -2.30
CA ASP C 38 19.25 -15.23 -3.13
C ASP C 38 18.11 -14.80 -2.21
N ILE C 39 17.30 -13.86 -2.68
CA ILE C 39 16.17 -13.36 -1.90
C ILE C 39 14.88 -14.01 -2.38
N ILE C 40 14.22 -14.72 -1.47
CA ILE C 40 13.03 -15.49 -1.78
C ILE C 40 11.80 -14.83 -1.15
N VAL C 41 10.81 -14.50 -1.97
CA VAL C 41 9.66 -13.71 -1.52
C VAL C 41 8.33 -14.42 -1.75
N ALA C 42 7.51 -14.48 -0.70
CA ALA C 42 6.14 -14.96 -0.83
C ALA C 42 5.24 -13.82 -1.32
N ASP C 43 4.80 -13.91 -2.57
CA ASP C 43 3.95 -12.91 -3.19
C ASP C 43 2.50 -13.34 -3.11
N THR C 44 1.89 -13.07 -1.95
CA THR C 44 0.65 -13.70 -1.53
C THR C 44 -0.50 -13.64 -2.53
N ASN C 45 -0.91 -12.42 -2.89
CA ASN C 45 -2.10 -12.25 -3.74
C ASN C 45 -1.83 -12.58 -5.21
N ASN C 46 -0.58 -12.88 -5.53
CA ASN C 46 -0.24 -13.46 -6.83
C ASN C 46 -0.06 -14.98 -6.70
N HIS C 47 -0.15 -15.48 -5.46
CA HIS C 47 -0.10 -16.91 -5.20
C HIS C 47 1.13 -17.56 -5.81
N ARG C 48 2.28 -16.95 -5.58
CA ARG C 48 3.53 -17.40 -6.16
C ARG C 48 4.70 -17.07 -5.25
N ILE C 49 5.83 -17.73 -5.51
CA ILE C 49 7.09 -17.41 -4.88
C ILE C 49 8.03 -16.84 -5.93
N GLN C 50 8.69 -15.73 -5.61
CA GLN C 50 9.67 -15.13 -6.52
C GLN C 50 11.05 -15.17 -5.89
N ILE C 51 12.05 -15.49 -6.71
CA ILE C 51 13.43 -15.61 -6.26
C ILE C 51 14.29 -14.59 -6.99
N PHE C 52 15.05 -13.81 -6.22
CA PHE C 52 15.95 -12.81 -6.75
C PHE C 52 17.37 -13.13 -6.30
N ASP C 53 18.38 -12.56 -6.98
CA ASP C 53 19.74 -12.68 -6.49
C ASP C 53 19.97 -11.64 -5.40
N LYS C 54 21.16 -11.65 -4.82
CA LYS C 54 21.47 -10.77 -3.69
C LYS C 54 21.42 -9.28 -4.06
N GLU C 55 21.33 -8.98 -5.36
CA GLU C 55 21.29 -7.60 -5.83
C GLU C 55 19.89 -7.21 -6.32
N GLY C 56 18.91 -8.08 -6.10
CA GLY C 56 17.52 -7.78 -6.41
C GLY C 56 17.13 -8.00 -7.86
N ARG C 57 17.92 -8.77 -8.59
CA ARG C 57 17.55 -9.14 -9.95
C ARG C 57 16.69 -10.39 -9.95
N PHE C 58 15.59 -10.35 -10.69
CA PHE C 58 14.69 -11.49 -10.76
C PHE C 58 15.38 -12.68 -11.45
N LYS C 59 15.36 -13.82 -10.77
CA LYS C 59 15.87 -15.07 -11.36
C LYS C 59 14.73 -15.90 -11.92
N PHE C 60 13.78 -16.28 -11.06
CA PHE C 60 12.66 -17.10 -11.48
C PHE C 60 11.53 -17.10 -10.45
N GLN C 61 10.40 -17.66 -10.85
CA GLN C 61 9.22 -17.75 -10.00
C GLN C 61 8.60 -19.14 -10.10
N PHE C 62 7.82 -19.50 -9.09
CA PHE C 62 7.01 -20.72 -9.17
C PHE C 62 5.72 -20.55 -8.38
N GLY C 63 4.72 -21.35 -8.73
CA GLY C 63 3.43 -21.32 -8.07
C GLY C 63 2.38 -20.51 -8.81
N GLU C 64 1.13 -20.90 -8.62
CA GLU C 64 -0.01 -20.16 -9.15
C GLU C 64 -1.22 -20.47 -8.27
N CYS C 65 -2.28 -19.69 -8.41
CA CYS C 65 -3.45 -19.84 -7.55
C CYS C 65 -4.09 -21.21 -7.71
N GLY C 66 -4.28 -21.92 -6.61
CA GLY C 66 -4.92 -23.22 -6.64
C GLY C 66 -4.59 -24.11 -5.46
N LYS C 67 -5.27 -25.25 -5.38
CA LYS C 67 -5.06 -26.21 -4.30
C LYS C 67 -4.38 -27.50 -4.77
N ARG C 68 -4.20 -27.63 -6.09
CA ARG C 68 -3.48 -28.78 -6.63
C ARG C 68 -2.00 -28.71 -6.33
N ASP C 69 -1.28 -29.75 -6.71
CA ASP C 69 0.17 -29.74 -6.57
C ASP C 69 0.75 -28.67 -7.49
N SER C 70 1.85 -28.06 -7.06
CA SER C 70 2.48 -26.95 -7.78
C SER C 70 1.61 -25.69 -7.82
N GLN C 71 0.57 -25.64 -7.00
CA GLN C 71 -0.25 -24.44 -6.84
C GLN C 71 -0.22 -23.97 -5.38
N LEU C 72 -0.39 -22.67 -5.20
CA LEU C 72 -0.39 -22.06 -3.86
C LEU C 72 -1.67 -21.27 -3.63
N LEU C 73 -2.07 -21.16 -2.36
CA LEU C 73 -3.23 -20.34 -2.00
C LEU C 73 -2.90 -19.47 -0.78
N TYR C 74 -2.56 -18.21 -1.05
CA TYR C 74 -2.19 -17.24 -0.02
C TYR C 74 -0.93 -17.65 0.73
N PRO C 75 0.17 -17.85 0.01
CA PRO C 75 1.46 -18.06 0.69
C PRO C 75 1.92 -16.79 1.40
N ASN C 76 2.28 -16.88 2.67
CA ASN C 76 2.59 -15.69 3.47
C ASN C 76 4.00 -15.64 4.06
N ARG C 77 4.59 -16.81 4.33
CA ARG C 77 5.94 -16.87 4.89
CA ARG C 77 5.94 -16.89 4.90
C ARG C 77 6.80 -17.89 4.15
N VAL C 78 8.12 -17.70 4.23
CA VAL C 78 9.07 -18.59 3.58
C VAL C 78 10.30 -18.83 4.45
N ALA C 79 10.89 -20.01 4.28
CA ALA C 79 12.16 -20.33 4.93
C ALA C 79 12.96 -21.25 4.03
N VAL C 80 14.26 -21.34 4.28
CA VAL C 80 15.15 -22.14 3.45
C VAL C 80 15.86 -23.22 4.25
N VAL C 81 15.85 -24.45 3.72
CA VAL C 81 16.69 -25.51 4.24
C VAL C 81 18.09 -25.29 3.68
N ARG C 82 19.00 -24.80 4.53
CA ARG C 82 20.32 -24.35 4.11
C ARG C 82 21.05 -25.32 3.19
N ASN C 83 21.24 -26.56 3.65
CA ASN C 83 22.09 -27.51 2.94
C ASN C 83 21.53 -27.91 1.57
N SER C 84 20.23 -28.15 1.50
CA SER C 84 19.59 -28.60 0.27
C SER C 84 19.11 -27.42 -0.57
N GLY C 85 18.84 -26.30 0.08
CA GLY C 85 18.29 -25.14 -0.60
C GLY C 85 16.81 -25.28 -0.84
N ASP C 86 16.17 -26.24 -0.19
CA ASP C 86 14.72 -26.41 -0.30
C ASP C 86 14.02 -25.19 0.28
N ILE C 87 12.90 -24.81 -0.34
CA ILE C 87 12.13 -23.66 0.10
C ILE C 87 10.87 -24.10 0.82
N ILE C 88 10.78 -23.73 2.10
CA ILE C 88 9.62 -24.02 2.91
C ILE C 88 8.61 -22.87 2.81
N VAL C 89 7.39 -23.18 2.39
CA VAL C 89 6.34 -22.18 2.24
C VAL C 89 5.17 -22.49 3.17
N THR C 90 4.67 -21.48 3.88
CA THR C 90 3.42 -21.60 4.61
C THR C 90 2.32 -20.85 3.85
N GLU C 91 1.11 -21.37 3.96
CA GLU C 91 -0.08 -20.74 3.39
C GLU C 91 -0.97 -20.29 4.53
N ARG C 92 -1.68 -19.19 4.35
CA ARG C 92 -2.57 -18.70 5.40
C ARG C 92 -3.85 -19.50 5.46
N SER C 93 -4.60 -19.29 6.53
CA SER C 93 -5.96 -19.82 6.62
C SER C 93 -6.72 -19.32 5.40
N PRO C 94 -7.68 -20.11 4.87
CA PRO C 94 -8.21 -21.39 5.36
C PRO C 94 -7.30 -22.59 5.12
N THR C 95 -6.35 -22.46 4.20
CA THR C 95 -5.47 -23.58 3.86
C THR C 95 -4.58 -23.96 5.05
N HIS C 96 -3.88 -22.96 5.59
CA HIS C 96 -2.95 -23.13 6.72
C HIS C 96 -2.22 -24.48 6.69
N GLN C 97 -1.30 -24.62 5.74
CA GLN C 97 -0.47 -25.81 5.62
C GLN C 97 0.96 -25.42 5.23
N ILE C 98 1.85 -26.41 5.25
CA ILE C 98 3.22 -26.23 4.81
C ILE C 98 3.40 -26.86 3.43
N GLN C 99 4.13 -26.17 2.55
CA GLN C 99 4.54 -26.73 1.28
C GLN C 99 6.06 -26.68 1.13
N ILE C 100 6.62 -27.71 0.51
CA ILE C 100 8.06 -27.78 0.26
C ILE C 100 8.34 -27.81 -1.23
N TYR C 101 9.18 -26.91 -1.69
CA TYR C 101 9.66 -26.87 -3.06
C TYR C 101 11.18 -26.98 -3.06
N ASN C 102 11.78 -27.57 -4.10
CA ASN C 102 13.23 -27.64 -4.15
C ASN C 102 13.79 -26.34 -4.72
N GLN C 103 15.10 -26.24 -4.77
CA GLN C 103 15.78 -25.00 -5.17
C GLN C 103 15.45 -24.59 -6.61
N TYR C 104 14.93 -25.54 -7.39
CA TYR C 104 14.56 -25.27 -8.78
C TYR C 104 13.09 -24.88 -8.92
N GLY C 105 12.38 -24.81 -7.79
CA GLY C 105 10.98 -24.43 -7.80
C GLY C 105 10.03 -25.56 -8.13
N GLN C 106 10.49 -26.80 -7.99
CA GLN C 106 9.65 -27.96 -8.21
C GLN C 106 8.97 -28.38 -6.91
N PHE C 107 7.67 -28.66 -7.00
CA PHE C 107 6.90 -29.11 -5.86
C PHE C 107 7.39 -30.45 -5.35
N VAL C 108 7.65 -30.52 -4.04
CA VAL C 108 8.04 -31.76 -3.39
C VAL C 108 6.86 -32.40 -2.64
N ARG C 109 6.30 -31.67 -1.68
CA ARG C 109 5.19 -32.17 -0.88
C ARG C 109 4.50 -31.06 -0.09
N LYS C 110 3.35 -31.39 0.48
CA LYS C 110 2.60 -30.48 1.34
C LYS C 110 2.07 -31.24 2.55
N PHE C 111 1.96 -30.57 3.69
CA PHE C 111 1.45 -31.23 4.89
C PHE C 111 1.05 -30.22 5.97
N GLY C 112 0.45 -30.74 7.04
CA GLY C 112 0.10 -29.94 8.20
C GLY C 112 -1.22 -29.20 8.07
N ALA C 113 -1.96 -29.48 7.01
CA ALA C 113 -3.21 -28.76 6.74
C ALA C 113 -4.25 -28.95 7.86
N THR C 114 -4.32 -30.16 8.42
CA THR C 114 -5.32 -30.46 9.44
C THR C 114 -4.84 -30.11 10.84
N ILE C 115 -3.58 -29.68 10.94
CA ILE C 115 -2.96 -29.39 12.24
C ILE C 115 -2.75 -27.90 12.46
N LEU C 116 -2.34 -27.20 11.41
CA LEU C 116 -2.07 -25.76 11.48
C LEU C 116 -3.36 -24.95 11.36
N GLN C 117 -3.43 -23.86 12.12
CA GLN C 117 -4.57 -22.94 12.06
C GLN C 117 -4.19 -21.57 11.50
N HIS C 118 -3.17 -20.95 12.08
CA HIS C 118 -2.73 -19.61 11.67
C HIS C 118 -1.21 -19.48 11.65
N PRO C 119 -0.55 -20.08 10.66
CA PRO C 119 0.91 -19.99 10.58
C PRO C 119 1.36 -18.55 10.36
N ARG C 120 2.25 -18.06 11.22
CA ARG C 120 2.66 -16.65 11.18
C ARG C 120 4.18 -16.48 11.12
N GLY C 121 4.91 -17.55 11.35
CA GLY C 121 6.36 -17.53 11.25
C GLY C 121 6.89 -18.93 11.05
N VAL C 122 7.94 -19.05 10.23
CA VAL C 122 8.51 -20.36 9.94
C VAL C 122 10.03 -20.29 9.82
N THR C 123 10.69 -21.34 10.28
CA THR C 123 12.14 -21.47 10.16
C THR C 123 12.54 -22.94 10.20
N VAL C 124 13.83 -23.20 9.98
CA VAL C 124 14.36 -24.56 9.98
C VAL C 124 15.66 -24.61 10.78
N ASP C 125 15.77 -25.58 11.69
CA ASP C 125 16.99 -25.72 12.49
C ASP C 125 18.04 -26.50 11.71
N ASN C 126 19.23 -26.64 12.29
CA ASN C 126 20.36 -27.25 11.61
C ASN C 126 20.17 -28.74 11.34
N LYS C 127 19.16 -29.34 11.97
CA LYS C 127 18.86 -30.76 11.77
C LYS C 127 17.74 -30.96 10.74
N GLY C 128 17.26 -29.85 10.18
CA GLY C 128 16.26 -29.93 9.12
C GLY C 128 14.83 -29.96 9.64
N ARG C 129 14.65 -29.78 10.94
CA ARG C 129 13.32 -29.72 11.52
C ARG C 129 12.66 -28.38 11.22
N ILE C 130 11.39 -28.42 10.81
CA ILE C 130 10.65 -27.22 10.45
C ILE C 130 9.82 -26.73 11.63
N ILE C 131 10.07 -25.48 12.01
CA ILE C 131 9.42 -24.88 13.18
C ILE C 131 8.46 -23.78 12.75
N VAL C 132 7.19 -23.95 13.13
CA VAL C 132 6.14 -22.98 12.83
C VAL C 132 5.61 -22.36 14.11
N VAL C 133 5.48 -21.04 14.10
CA VAL C 133 4.82 -20.32 15.19
C VAL C 133 3.48 -19.81 14.67
N GLU C 134 2.45 -19.93 15.51
CA GLU C 134 1.10 -19.55 15.13
C GLU C 134 0.56 -18.44 16.01
N CYS C 135 0.04 -17.39 15.37
CA CYS C 135 -0.59 -16.30 16.10
C CYS C 135 -2.03 -16.68 16.48
N LYS C 136 -2.66 -15.83 17.30
CA LYS C 136 -4.01 -16.06 17.83
C LYS C 136 -4.08 -17.24 18.80
N VAL C 137 -3.79 -18.44 18.31
CA VAL C 137 -3.85 -19.62 19.16
C VAL C 137 -2.57 -19.79 19.96
N MET C 138 -1.52 -19.09 19.53
CA MET C 138 -0.26 -19.06 20.27
C MET C 138 0.34 -20.47 20.41
N ARG C 139 0.58 -21.12 19.29
CA ARG C 139 1.17 -22.46 19.27
C ARG C 139 2.50 -22.50 18.54
N VAL C 140 3.34 -23.45 18.93
CA VAL C 140 4.56 -23.76 18.21
C VAL C 140 4.50 -25.22 17.81
N ILE C 141 4.74 -25.50 16.53
CA ILE C 141 4.71 -26.86 16.02
C ILE C 141 5.99 -27.18 15.26
N ILE C 142 6.64 -28.28 15.64
CA ILE C 142 7.89 -28.69 15.02
C ILE C 142 7.67 -29.93 14.16
N PHE C 143 8.05 -29.83 12.89
CA PHE C 143 7.90 -30.91 11.92
C PHE C 143 9.26 -31.44 11.48
N ASP C 144 9.26 -32.64 10.89
CA ASP C 144 10.39 -33.08 10.07
C ASP C 144 9.99 -32.79 8.63
N GLN C 145 10.92 -32.94 7.70
CA GLN C 145 10.66 -32.53 6.32
C GLN C 145 9.70 -33.45 5.57
N ASN C 146 9.29 -34.55 6.20
CA ASN C 146 8.31 -35.46 5.58
C ASN C 146 6.90 -35.25 6.14
N GLY C 147 6.78 -34.43 7.18
CA GLY C 147 5.49 -34.03 7.71
C GLY C 147 5.11 -34.64 9.05
N ASN C 148 6.03 -35.36 9.67
CA ASN C 148 5.79 -35.91 11.01
C ASN C 148 5.91 -34.83 12.07
N VAL C 149 4.97 -34.80 13.00
CA VAL C 149 5.01 -33.84 14.11
C VAL C 149 5.96 -34.35 15.20
N LEU C 150 7.04 -33.61 15.44
CA LEU C 150 8.04 -34.01 16.43
C LEU C 150 7.75 -33.41 17.80
N HIS C 151 7.37 -32.14 17.81
CA HIS C 151 7.04 -31.43 19.04
C HIS C 151 5.85 -30.50 18.82
N LYS C 152 5.20 -30.12 19.91
CA LYS C 152 4.04 -29.25 19.85
C LYS C 152 3.75 -28.70 21.24
N PHE C 153 3.57 -27.39 21.34
CA PHE C 153 3.26 -26.78 22.63
C PHE C 153 2.61 -25.41 22.47
N GLY C 154 1.80 -25.04 23.46
CA GLY C 154 1.16 -23.75 23.50
C GLY C 154 1.94 -22.76 24.33
N CYS C 155 1.85 -21.49 23.98
CA CYS C 155 2.52 -20.43 24.72
C CYS C 155 1.60 -19.21 24.84
N SER C 156 0.31 -19.48 24.94
CA SER C 156 -0.70 -18.43 25.09
C SER C 156 -0.47 -17.62 26.36
N LYS C 157 0.33 -18.14 27.29
CA LYS C 157 0.63 -17.45 28.54
C LYS C 157 1.68 -16.38 28.35
N HIS C 158 2.54 -16.56 27.35
CA HIS C 158 3.69 -15.66 27.14
C HIS C 158 3.65 -14.84 25.86
N LEU C 159 2.77 -15.20 24.93
CA LEU C 159 2.72 -14.52 23.64
C LEU C 159 1.42 -13.75 23.44
N GLU C 160 1.57 -12.52 22.98
CA GLU C 160 0.43 -11.65 22.68
C GLU C 160 0.21 -11.57 21.17
N PHE C 161 1.30 -11.41 20.43
CA PHE C 161 1.23 -11.34 18.97
C PHE C 161 2.55 -11.81 18.35
N PRO C 162 2.70 -13.12 18.13
CA PRO C 162 3.93 -13.64 17.53
C PRO C 162 3.95 -13.44 16.01
N ASN C 163 5.04 -12.92 15.48
CA ASN C 163 5.10 -12.57 14.06
C ASN C 163 6.42 -12.91 13.39
N GLY C 164 7.29 -13.63 14.10
CA GLY C 164 8.58 -14.02 13.55
C GLY C 164 9.26 -15.05 14.41
N VAL C 165 10.11 -15.88 13.81
CA VAL C 165 10.79 -16.92 14.57
C VAL C 165 12.10 -17.38 13.92
N VAL C 166 13.10 -17.60 14.76
CA VAL C 166 14.36 -18.22 14.36
C VAL C 166 14.82 -19.17 15.46
N VAL C 167 15.86 -19.94 15.17
CA VAL C 167 16.44 -20.85 16.15
C VAL C 167 17.96 -20.88 16.08
N ASN C 168 18.57 -21.20 17.22
CA ASN C 168 20.00 -21.47 17.27
C ASN C 168 20.23 -22.96 17.14
N ASP C 169 21.45 -23.41 17.44
CA ASP C 169 21.78 -24.83 17.34
C ASP C 169 21.72 -25.53 18.71
N LYS C 170 21.03 -24.91 19.65
CA LYS C 170 20.91 -25.44 21.02
C LYS C 170 19.45 -25.75 21.37
N GLN C 171 18.60 -25.88 20.35
CA GLN C 171 17.17 -26.09 20.53
C GLN C 171 16.52 -24.96 21.35
N GLU C 172 16.92 -23.72 21.07
CA GLU C 172 16.25 -22.55 21.63
C GLU C 172 15.55 -21.80 20.51
N ILE C 173 14.26 -21.50 20.74
CA ILE C 173 13.43 -20.83 19.75
C ILE C 173 13.20 -19.39 20.13
N PHE C 174 13.58 -18.48 19.24
CA PHE C 174 13.46 -17.04 19.48
C PHE C 174 12.26 -16.47 18.71
N ILE C 175 11.23 -16.08 19.44
CA ILE C 175 9.99 -15.59 18.84
C ILE C 175 9.79 -14.11 19.12
N SER C 176 9.66 -13.32 18.06
CA SER C 176 9.38 -11.90 18.21
C SER C 176 7.89 -11.73 18.51
N ASP C 177 7.60 -10.89 19.50
CA ASP C 177 6.23 -10.64 19.93
C ASP C 177 5.92 -9.16 19.77
N ASN C 178 5.04 -8.87 18.81
CA ASN C 178 4.72 -7.49 18.45
C ASN C 178 4.15 -6.67 19.60
N ARG C 179 3.30 -7.28 20.41
CA ARG C 179 2.61 -6.55 21.47
C ARG C 179 3.28 -6.67 22.83
N ALA C 180 4.28 -7.55 22.93
CA ALA C 180 5.10 -7.64 24.13
C ALA C 180 6.38 -6.81 23.96
N HIS C 181 6.58 -6.29 22.75
CA HIS C 181 7.69 -5.39 22.45
C HIS C 181 9.04 -6.02 22.77
N CYS C 182 9.21 -7.28 22.37
CA CYS C 182 10.43 -8.02 22.67
C CYS C 182 10.43 -9.37 21.95
N VAL C 183 11.54 -10.08 22.09
CA VAL C 183 11.64 -11.47 21.65
C VAL C 183 11.49 -12.39 22.86
N LYS C 184 10.70 -13.45 22.69
CA LYS C 184 10.53 -14.46 23.74
C LYS C 184 11.28 -15.72 23.35
N VAL C 185 12.02 -16.28 24.31
CA VAL C 185 12.82 -17.47 24.05
C VAL C 185 12.21 -18.71 24.71
N PHE C 186 12.14 -19.79 23.94
CA PHE C 186 11.60 -21.07 24.43
C PHE C 186 12.54 -22.20 24.03
N ASN C 187 12.35 -23.37 24.63
CA ASN C 187 13.00 -24.58 24.15
C ASN C 187 11.99 -25.45 23.40
N TYR C 188 12.45 -26.56 22.84
CA TYR C 188 11.57 -27.41 22.03
C TYR C 188 10.47 -28.05 22.88
N GLU C 189 10.71 -28.14 24.19
CA GLU C 189 9.72 -28.71 25.10
C GLU C 189 8.60 -27.70 25.39
N GLY C 190 8.89 -26.42 25.16
CA GLY C 190 7.90 -25.38 25.31
C GLY C 190 8.08 -24.55 26.57
N GLN C 191 9.19 -24.77 27.27
CA GLN C 191 9.48 -24.00 28.48
C GLN C 191 9.98 -22.61 28.15
N TYR C 192 9.41 -21.60 28.79
CA TYR C 192 9.87 -20.23 28.64
C TYR C 192 11.20 -20.04 29.35
N LEU C 193 12.20 -19.56 28.61
CA LEU C 193 13.56 -19.44 29.13
C LEU C 193 13.91 -18.02 29.54
N ARG C 194 13.69 -17.06 28.64
CA ARG C 194 14.11 -15.68 28.88
C ARG C 194 13.56 -14.72 27.84
N GLN C 195 13.82 -13.44 28.05
CA GLN C 195 13.36 -12.37 27.17
C GLN C 195 14.54 -11.58 26.61
N ILE C 196 14.45 -11.22 25.33
CA ILE C 196 15.45 -10.38 24.68
C ILE C 196 14.81 -9.08 24.20
N GLY C 197 15.43 -7.95 24.56
CA GLY C 197 14.85 -6.65 24.25
C GLY C 197 13.73 -6.35 25.22
N GLY C 198 12.92 -5.35 24.89
CA GLY C 198 11.81 -4.97 25.74
C GLY C 198 11.22 -3.63 25.36
N GLU C 199 10.24 -3.17 26.14
CA GLU C 199 9.62 -1.88 25.90
C GLU C 199 10.66 -0.78 26.06
N GLY C 200 10.67 0.15 25.11
CA GLY C 200 11.60 1.28 25.14
C GLY C 200 12.75 1.18 24.16
N ILE C 201 13.11 -0.04 23.74
CA ILE C 201 14.20 -0.20 22.77
C ILE C 201 13.81 -1.09 21.58
N THR C 202 12.81 -1.94 21.76
CA THR C 202 12.31 -2.78 20.68
C THR C 202 10.78 -2.78 20.67
N ASN C 203 10.19 -1.62 20.47
CA ASN C 203 8.75 -1.48 20.43
C ASN C 203 8.17 -1.99 19.13
N TYR C 204 7.12 -2.81 19.23
CA TYR C 204 6.40 -3.31 18.06
C TYR C 204 7.31 -3.99 17.04
N PRO C 205 8.02 -5.04 17.47
CA PRO C 205 8.87 -5.78 16.55
C PRO C 205 8.08 -6.44 15.44
N ILE C 206 8.65 -6.45 14.24
CA ILE C 206 7.97 -7.01 13.06
C ILE C 206 8.69 -8.25 12.57
N GLY C 207 9.83 -8.56 13.18
CA GLY C 207 10.57 -9.75 12.82
C GLY C 207 11.82 -9.94 13.66
N VAL C 208 12.44 -11.10 13.52
CA VAL C 208 13.65 -11.43 14.25
C VAL C 208 14.59 -12.25 13.38
N GLY C 209 15.89 -12.09 13.60
CA GLY C 209 16.89 -12.82 12.85
C GLY C 209 18.04 -13.27 13.72
N ILE C 210 18.72 -14.32 13.28
CA ILE C 210 19.96 -14.77 13.93
C ILE C 210 21.05 -14.89 12.86
N ASN C 211 22.14 -14.15 13.04
CA ASN C 211 23.20 -14.11 12.04
C ASN C 211 24.28 -15.15 12.29
N SER C 212 25.30 -15.15 11.44
CA SER C 212 26.36 -16.14 11.49
C SER C 212 27.17 -16.08 12.79
N ASN C 213 27.04 -14.97 13.51
CA ASN C 213 27.71 -14.82 14.80
C ASN C 213 26.86 -15.32 15.96
N GLY C 214 25.66 -15.80 15.65
CA GLY C 214 24.72 -16.22 16.67
C GLY C 214 24.07 -15.04 17.35
N GLU C 215 24.30 -13.84 16.81
CA GLU C 215 23.70 -12.63 17.36
C GLU C 215 22.25 -12.51 16.92
N ILE C 216 21.41 -12.00 17.83
CA ILE C 216 19.98 -11.88 17.57
C ILE C 216 19.62 -10.46 17.13
N LEU C 217 19.04 -10.36 15.94
CA LEU C 217 18.57 -9.08 15.42
C LEU C 217 17.05 -8.96 15.58
N ILE C 218 16.62 -7.87 16.21
CA ILE C 218 15.20 -7.56 16.32
C ILE C 218 14.92 -6.31 15.49
N ALA C 219 13.99 -6.44 14.55
CA ALA C 219 13.61 -5.34 13.68
C ALA C 219 12.24 -4.81 14.07
N ASP C 220 12.08 -3.49 14.03
CA ASP C 220 10.77 -2.88 14.26
C ASP C 220 10.60 -1.62 13.43
N ASN C 221 9.34 -1.18 13.31
CA ASN C 221 9.00 0.03 12.56
C ASN C 221 8.16 0.97 13.42
N HIS C 222 8.48 1.05 14.71
CA HIS C 222 7.66 1.80 15.68
C HIS C 222 7.61 3.29 15.38
N ASN C 223 8.68 3.83 14.81
CA ASN C 223 8.70 5.21 14.34
C ASN C 223 9.44 5.26 13.01
N ASN C 224 10.77 5.23 13.08
CA ASN C 224 11.58 4.91 11.92
C ASN C 224 11.72 3.40 11.87
N PHE C 225 12.49 2.90 10.91
CA PHE C 225 12.82 1.48 10.88
C PHE C 225 14.06 1.25 11.74
N ASN C 226 13.92 0.43 12.77
CA ASN C 226 14.99 0.19 13.72
C ASN C 226 15.51 -1.24 13.71
N LEU C 227 16.83 -1.36 13.86
CA LEU C 227 17.47 -2.65 14.07
C LEU C 227 18.20 -2.60 15.41
N THR C 228 17.84 -3.52 16.29
CA THR C 228 18.48 -3.63 17.59
C THR C 228 19.08 -5.01 17.72
N ILE C 229 20.37 -5.06 18.03
CA ILE C 229 21.13 -6.31 17.98
C ILE C 229 21.61 -6.72 19.37
N PHE C 230 21.40 -7.99 19.69
CA PHE C 230 21.72 -8.53 21.01
C PHE C 230 22.55 -9.81 20.90
N THR C 231 23.12 -10.22 22.02
CA THR C 231 23.64 -11.57 22.17
C THR C 231 22.48 -12.45 22.63
N GLN C 232 22.64 -13.76 22.57
CA GLN C 232 21.54 -14.67 22.91
C GLN C 232 21.14 -14.60 24.37
N ASP C 233 22.03 -14.08 25.21
CA ASP C 233 21.74 -13.94 26.64
C ASP C 233 20.95 -12.65 26.90
N GLY C 234 20.85 -11.81 25.88
CA GLY C 234 19.99 -10.63 25.93
C GLY C 234 20.73 -9.31 26.05
N GLN C 235 22.06 -9.35 25.97
CA GLN C 235 22.86 -8.14 26.08
C GLN C 235 22.89 -7.35 24.78
N LEU C 236 22.62 -6.05 24.88
CA LEU C 236 22.61 -5.16 23.73
C LEU C 236 24.03 -4.87 23.26
N ILE C 237 24.27 -4.99 21.95
CA ILE C 237 25.60 -4.77 21.38
C ILE C 237 25.60 -3.77 20.24
N SER C 238 24.44 -3.56 19.62
CA SER C 238 24.33 -2.58 18.54
C SER C 238 22.89 -2.12 18.33
N ALA C 239 22.73 -0.88 17.87
CA ALA C 239 21.40 -0.30 17.64
C ALA C 239 21.46 0.66 16.47
N LEU C 240 20.55 0.48 15.50
CA LEU C 240 20.53 1.28 14.29
C LEU C 240 19.15 1.85 14.02
N GLU C 241 19.09 2.87 13.18
CA GLU C 241 17.83 3.50 12.81
C GLU C 241 17.88 4.08 11.40
N SER C 242 16.79 3.91 10.66
CA SER C 242 16.72 4.40 9.28
C SER C 242 16.59 5.91 9.25
N LYS C 243 17.03 6.52 8.15
CA LYS C 243 16.93 7.96 7.97
C LYS C 243 15.54 8.36 7.50
N VAL C 244 14.89 7.46 6.77
CA VAL C 244 13.54 7.68 6.26
C VAL C 244 12.57 6.72 6.92
N LYS C 245 11.28 7.06 6.86
CA LYS C 245 10.25 6.22 7.44
C LYS C 245 9.73 5.24 6.39
N HIS C 246 9.21 4.11 6.86
CA HIS C 246 8.73 3.06 5.97
C HIS C 246 7.26 2.76 6.19
N ALA C 247 6.61 2.32 5.12
CA ALA C 247 5.26 1.79 5.21
C ALA C 247 5.28 0.53 6.06
N GLN C 248 4.11 -0.02 6.35
CA GLN C 248 4.01 -1.22 7.17
C GLN C 248 4.94 -2.33 6.68
N CYS C 249 5.70 -2.90 7.61
CA CYS C 249 6.68 -3.92 7.28
C CYS C 249 6.14 -5.32 7.57
N PHE C 250 6.17 -6.18 6.55
CA PHE C 250 5.67 -7.54 6.68
C PHE C 250 6.64 -8.49 7.36
N ASP C 251 7.91 -8.43 6.94
CA ASP C 251 8.88 -9.45 7.33
C ASP C 251 10.30 -8.98 7.06
N VAL C 252 11.27 -9.65 7.70
CA VAL C 252 12.68 -9.36 7.47
C VAL C 252 13.49 -10.66 7.33
N ALA C 253 14.60 -10.58 6.62
CA ALA C 253 15.52 -11.71 6.48
C ALA C 253 16.97 -11.20 6.47
N LEU C 254 17.90 -12.06 6.86
CA LEU C 254 19.31 -11.69 6.96
C LEU C 254 20.12 -12.16 5.76
N MET C 255 21.08 -11.33 5.34
CA MET C 255 22.04 -11.68 4.30
C MET C 255 23.45 -11.73 4.89
N ASP C 256 24.27 -12.65 4.36
CA ASP C 256 25.59 -12.93 4.94
C ASP C 256 26.54 -11.75 4.94
N ASP C 257 26.27 -10.73 4.14
CA ASP C 257 27.15 -9.56 4.12
C ASP C 257 26.89 -8.62 5.29
N GLY C 258 25.95 -8.98 6.14
CA GLY C 258 25.59 -8.14 7.28
C GLY C 258 24.51 -7.17 6.86
N SER C 259 23.45 -7.71 6.27
CA SER C 259 22.31 -6.90 5.83
C SER C 259 20.99 -7.49 6.29
N VAL C 260 19.98 -6.64 6.34
CA VAL C 260 18.61 -7.07 6.55
C VAL C 260 17.80 -6.75 5.30
N VAL C 261 17.05 -7.73 4.81
CA VAL C 261 16.12 -7.50 3.71
C VAL C 261 14.76 -7.23 4.31
N LEU C 262 14.17 -6.10 3.92
CA LEU C 262 12.92 -5.62 4.50
C LEU C 262 11.80 -5.59 3.46
N ALA C 263 10.72 -6.33 3.73
CA ALA C 263 9.56 -6.33 2.85
C ALA C 263 8.45 -5.45 3.42
N SER C 264 7.95 -4.52 2.61
CA SER C 264 7.04 -3.48 3.08
C SER C 264 5.76 -3.37 2.25
N LYS C 265 4.75 -2.76 2.84
CA LYS C 265 3.42 -2.65 2.24
C LYS C 265 3.38 -1.68 1.06
N ASP C 266 4.50 -1.03 0.76
CA ASP C 266 4.59 -0.22 -0.45
C ASP C 266 5.03 -1.08 -1.63
N TYR C 267 4.95 -2.39 -1.45
CA TYR C 267 5.22 -3.36 -2.52
C TYR C 267 6.69 -3.33 -2.97
N ARG C 268 7.57 -3.00 -2.02
CA ARG C 268 9.00 -2.94 -2.30
C ARG C 268 9.80 -3.64 -1.22
N LEU C 269 10.98 -4.11 -1.59
CA LEU C 269 11.93 -4.67 -0.65
C LEU C 269 13.14 -3.75 -0.53
N TYR C 270 13.62 -3.58 0.70
CA TYR C 270 14.77 -2.73 0.98
C TYR C 270 15.86 -3.52 1.67
N ILE C 271 17.11 -3.26 1.30
CA ILE C 271 18.24 -3.91 1.93
C ILE C 271 19.08 -2.89 2.70
N TYR C 272 19.10 -3.04 4.03
CA TYR C 272 19.88 -2.19 4.92
C TYR C 272 21.13 -2.93 5.39
N ARG C 273 22.29 -2.28 5.28
CA ARG C 273 23.52 -2.82 5.84
C ARG C 273 23.64 -2.40 7.30
N TYR C 274 23.89 -3.35 8.18
CA TYR C 274 24.05 -3.04 9.61
C TYR C 274 25.47 -3.32 10.09
N VAL C 275 26.40 -3.42 9.15
CA VAL C 275 27.83 -3.46 9.44
C VAL C 275 28.54 -2.33 8.72
N GLN C 276 29.75 -2.00 9.18
CA GLN C 276 30.49 -0.86 8.65
C GLN C 276 32.00 -1.04 8.83
N LEU C 277 32.77 -0.23 8.12
CA LEU C 277 34.22 -0.21 8.30
C LEU C 277 34.55 0.33 9.68
N ALA C 278 35.62 -0.19 10.27
CA ALA C 278 36.14 0.38 11.52
C ALA C 278 36.82 1.71 11.22
N PRO C 279 36.37 2.80 11.87
CA PRO C 279 37.01 4.09 11.59
C PRO C 279 38.46 4.18 12.09
N VAL C 280 39.28 4.95 11.39
CA VAL C 280 40.68 5.13 11.77
C VAL C 280 40.80 6.13 12.92
#